data_2IQD
#
_entry.id   2IQD
#
_cell.length_a   50.011
_cell.length_b   67.023
_cell.length_c   91.980
_cell.angle_alpha   90.00
_cell.angle_beta   90.00
_cell.angle_gamma   90.00
#
_symmetry.space_group_name_H-M   'P 21 21 21'
#
loop_
_entity.id
_entity.type
_entity.pdbx_description
1 polymer 'Aldose reductase'
2 non-polymer 'NADP NICOTINAMIDE-ADENINE-DINUCLEOTIDE PHOSPHATE'
3 non-polymer 'LIPOIC ACID'
4 water water
#
_entity_poly.entity_id   1
_entity_poly.type   'polypeptide(L)'
_entity_poly.pdbx_seq_one_letter_code
;ASRLLLNNGAKMPILGLGTWKSPPGQVTEAVKVAIDVGYRHIDCAHVYQNENEVGVAIQEKLREQVVKREELFIVSKLWC
TYHEKGLVKGACQKTLSDLKLDYLDLYLIHWPTGFKPGKEFFPLDESGNVVPSDTNILDTWAAMEELVDEGLVKAIGISN
FNHLQVEMILNKPGLKYKPAVNQIECHPYLTQEKLIQYCQSKGIVVTAYSPLGSPDRPWAKPEDPSLLEDPRIKAIAAKH
NKTTAQVLIRFPMQRNLVVIPKSVTPERIAENFKVFDFELSSQDMTTLLSYNRNWRVCALLSCTSHKDYPFHEEF
;
_entity_poly.pdbx_strand_id   A
#
loop_
_chem_comp.id
_chem_comp.type
_chem_comp.name
_chem_comp.formula
LPA non-polymer 'LIPOIC ACID' 'C8 H14 O2 S2'
NAP non-polymer 'NADP NICOTINAMIDE-ADENINE-DINUCLEOTIDE PHOSPHATE' 'C21 H28 N7 O17 P3'
#
# COMPACT_ATOMS: atom_id res chain seq x y z
N ALA A 1 -9.49 13.83 11.24
CA ALA A 1 -9.94 12.33 11.46
C ALA A 1 -10.27 11.54 10.15
N SER A 2 -10.51 12.30 9.05
CA SER A 2 -11.41 11.93 8.00
C SER A 2 -10.97 10.67 7.30
N ARG A 3 -11.90 10.14 6.57
CA ARG A 3 -11.85 8.71 6.24
C ARG A 3 -12.67 8.54 4.95
N LEU A 4 -12.36 7.48 4.20
CA LEU A 4 -13.08 7.14 3.01
C LEU A 4 -13.92 5.89 3.20
N LEU A 5 -15.12 5.90 2.63
CA LEU A 5 -16.06 4.76 2.72
C LEU A 5 -15.72 3.67 1.70
N LEU A 6 -15.51 2.44 2.17
CA LEU A 6 -15.25 1.27 1.30
C LEU A 6 -16.56 0.56 0.95
N ASN A 7 -16.55 -0.27 -0.09
CA ASN A 7 -17.78 -0.93 -0.51
C ASN A 7 -18.28 -2.03 0.43
N ASN A 8 -17.57 -2.30 1.52
CA ASN A 8 -18.09 -3.18 2.56
C ASN A 8 -18.71 -2.42 3.73
N GLY A 9 -18.82 -1.10 3.59
CA GLY A 9 -19.39 -0.29 4.64
C GLY A 9 -18.42 0.26 5.69
N ALA A 10 -17.17 -0.21 5.67
CA ALA A 10 -16.17 0.25 6.63
C ALA A 10 -15.58 1.58 6.20
N LYS A 11 -14.92 2.24 7.14
CA LYS A 11 -14.31 3.53 6.88
C LYS A 11 -12.79 3.42 7.00
N MET A 12 -12.08 3.85 5.98
CA MET A 12 -10.62 3.71 5.94
C MET A 12 -9.94 5.08 6.10
N PRO A 13 -9.12 5.24 7.15
CA PRO A 13 -8.32 6.46 7.37
C PRO A 13 -7.49 6.86 6.15
N ILE A 14 -7.63 8.11 5.71
CA ILE A 14 -6.98 8.59 4.49
C ILE A 14 -5.45 8.70 4.59
N LEU A 15 -4.94 8.81 5.82
CA LEU A 15 -3.51 8.78 6.10
C LEU A 15 -3.16 7.49 6.84
N GLY A 16 -2.03 6.90 6.47
CA GLY A 16 -1.55 5.70 7.13
C GLY A 16 -0.02 5.63 7.16
N LEU A 17 0.52 4.80 8.03
CA LEU A 17 1.97 4.71 8.20
C LEU A 17 2.53 3.50 7.48
N GLY A 18 3.45 3.73 6.55
CA GLY A 18 4.07 2.63 5.83
C GLY A 18 5.24 2.02 6.57
N THR A 19 5.50 0.74 6.34
CA THR A 19 6.51 0.03 7.15
C THR A 19 7.53 -0.79 6.35
N TRP A 20 7.58 -0.58 5.04
CA TRP A 20 8.62 -1.21 4.24
C TRP A 20 9.93 -0.48 4.46
N LYS A 21 10.98 -1.25 4.78
CA LYS A 21 12.33 -0.73 5.02
C LYS A 21 12.53 -0.25 6.46
N SER A 22 11.48 -0.40 7.27
CA SER A 22 11.54 0.01 8.66
C SER A 22 12.14 -1.11 9.48
N PRO A 23 13.35 -0.89 10.02
CA PRO A 23 14.15 -1.93 10.68
C PRO A 23 13.36 -2.49 11.85
N PRO A 24 13.55 -3.79 12.14
CA PRO A 24 12.83 -4.40 13.26
C PRO A 24 13.15 -3.76 14.62
N GLY A 25 14.38 -3.26 14.77
CA GLY A 25 14.77 -2.59 16.00
C GLY A 25 14.34 -1.12 16.10
N GLN A 26 13.64 -0.61 15.09
CA GLN A 26 13.19 0.78 15.08
C GLN A 26 11.67 0.93 14.91
N VAL A 27 11.02 -0.09 14.33
CA VAL A 27 9.64 0.06 13.88
C VAL A 27 8.56 -0.01 14.97
N THR A 28 8.84 -0.75 16.05
CA THR A 28 7.92 -0.79 17.18
C THR A 28 7.76 0.60 17.76
N GLU A 29 8.88 1.29 17.99
CA GLU A 29 8.86 2.65 18.51
C GLU A 29 8.18 3.57 17.53
N ALA A 30 8.37 3.29 16.24
CA ALA A 30 7.81 4.12 15.19
C ALA A 30 6.29 4.05 15.17
N VAL A 31 5.75 2.83 15.31
CA VAL A 31 4.31 2.62 15.30
C VAL A 31 3.65 3.13 16.59
N LYS A 32 4.37 3.03 17.70
CA LYS A 32 3.91 3.59 18.98
C LYS A 32 3.77 5.10 18.91
N VAL A 33 4.76 5.76 18.33
CA VAL A 33 4.71 7.20 18.14
C VAL A 33 3.61 7.61 17.18
N ALA A 34 3.45 6.86 16.08
CA ALA A 34 2.43 7.14 15.08
C ALA A 34 1.05 7.13 15.73
N ILE A 35 0.79 6.10 16.52
CA ILE A 35 -0.52 5.95 17.13
C ILE A 35 -0.76 7.06 18.15
N ASP A 36 0.28 7.43 18.90
CA ASP A 36 0.22 8.58 19.81
C ASP A 36 -0.11 9.88 19.05
N VAL A 37 0.58 10.12 17.95
CA VAL A 37 0.40 11.30 17.12
C VAL A 37 -0.99 11.35 16.46
N GLY A 38 -1.57 10.19 16.22
CA GLY A 38 -2.96 10.15 15.81
C GLY A 38 -3.22 9.33 14.57
N TYR A 39 -2.19 8.65 14.07
CA TYR A 39 -2.36 7.68 13.00
C TYR A 39 -3.24 6.54 13.47
N ARG A 40 -4.19 6.14 12.61
CA ARG A 40 -5.10 5.05 12.91
C ARG A 40 -5.09 3.99 11.82
N HIS A 41 -4.03 4.03 11.01
CA HIS A 41 -3.92 3.20 9.83
C HIS A 41 -2.44 2.82 9.63
N ILE A 42 -2.14 1.53 9.74
CA ILE A 42 -0.79 1.02 9.52
C ILE A 42 -0.79 0.14 8.28
N ASP A 43 0.17 0.36 7.38
CA ASP A 43 0.32 -0.51 6.23
C ASP A 43 1.45 -1.54 6.45
N CYS A 44 1.11 -2.82 6.44
CA CYS A 44 2.07 -3.90 6.72
C CYS A 44 2.18 -4.90 5.56
N ALA A 45 3.12 -5.83 5.68
CA ALA A 45 3.22 -6.94 4.74
C ALA A 45 4.19 -7.97 5.27
N HIS A 46 3.90 -9.24 4.97
CA HIS A 46 4.75 -10.35 5.39
C HIS A 46 6.17 -10.20 4.86
N VAL A 47 6.30 -9.77 3.60
CA VAL A 47 7.60 -9.67 2.94
C VAL A 47 8.51 -8.57 3.53
N TYR A 48 7.95 -7.68 4.34
CA TYR A 48 8.75 -6.63 4.98
C TYR A 48 9.56 -7.15 6.17
N GLN A 49 9.23 -8.36 6.63
CA GLN A 49 9.98 -9.05 7.68
C GLN A 49 10.02 -8.28 9.01
N ASN A 50 8.95 -7.58 9.33
CA ASN A 50 8.90 -6.84 10.61
C ASN A 50 7.52 -6.79 11.26
N GLU A 51 6.62 -7.68 10.84
CA GLU A 51 5.25 -7.65 11.35
C GLU A 51 5.13 -8.00 12.83
N ASN A 52 6.05 -8.84 13.33
CA ASN A 52 6.07 -9.20 14.75
C ASN A 52 6.30 -7.94 15.59
N GLU A 53 7.17 -7.08 15.09
CA GLU A 53 7.62 -5.89 15.79
C GLU A 53 6.63 -4.74 15.63
N VAL A 54 5.91 -4.72 14.52
CA VAL A 54 4.77 -3.83 14.36
C VAL A 54 3.67 -4.24 15.33
N GLY A 55 3.46 -5.56 15.43
CA GLY A 55 2.45 -6.11 16.32
C GLY A 55 2.73 -5.87 17.79
N VAL A 56 4.00 -5.77 18.17
CA VAL A 56 4.35 -5.44 19.55
C VAL A 56 3.84 -4.04 19.93
N ALA A 57 3.98 -3.10 19.01
CA ALA A 57 3.56 -1.73 19.26
C ALA A 57 2.05 -1.62 19.36
N ILE A 58 1.35 -2.29 18.45
CA ILE A 58 -0.10 -2.24 18.39
C ILE A 58 -0.70 -2.81 19.66
N GLN A 59 -0.10 -3.90 20.16
CA GLN A 59 -0.52 -4.54 21.40
C GLN A 59 -0.34 -3.67 22.62
N GLU A 60 0.77 -2.95 22.64
CA GLU A 60 1.08 -2.04 23.74
C GLU A 60 0.11 -0.88 23.81
N LYS A 61 -0.26 -0.33 22.65
CA LYS A 61 -1.22 0.77 22.60
C LYS A 61 -2.65 0.34 22.93
N LEU A 62 -2.99 -0.90 22.57
CA LEU A 62 -4.27 -1.48 22.93
C LEU A 62 -4.36 -1.73 24.43
N ARG A 63 -3.31 -2.29 25.01
CA ARG A 63 -3.25 -2.51 26.46
C ARG A 63 -3.35 -1.19 27.22
N GLU A 64 -2.84 -0.12 26.62
CA GLU A 64 -2.74 1.20 27.25
C GLU A 64 -4.04 2.01 27.20
N GLN A 65 -5.02 1.52 26.43
CA GLN A 65 -6.29 2.24 26.25
C GLN A 65 -6.19 3.49 25.36
N VAL A 66 -5.05 3.64 24.69
CA VAL A 66 -4.85 4.75 23.75
C VAL A 66 -5.82 4.66 22.57
N VAL A 67 -6.09 3.44 22.14
CA VAL A 67 -7.02 3.18 21.05
C VAL A 67 -7.71 1.88 21.37
N LYS A 68 -8.95 1.75 20.92
CA LYS A 68 -9.57 0.42 20.86
C LYS A 68 -9.40 -0.15 19.46
N ARG A 69 -9.51 -1.47 19.35
CA ARG A 69 -9.20 -2.18 18.12
C ARG A 69 -10.01 -1.71 16.91
N GLU A 70 -11.28 -1.38 17.16
CA GLU A 70 -12.17 -0.86 16.13
C GLU A 70 -11.74 0.48 15.55
N GLU A 71 -10.88 1.20 16.28
CA GLU A 71 -10.39 2.51 15.84
C GLU A 71 -9.25 2.37 14.83
N LEU A 72 -8.55 1.24 14.90
CA LEU A 72 -7.41 0.97 14.03
C LEU A 72 -7.82 0.32 12.71
N PHE A 73 -7.08 0.65 11.67
CA PHE A 73 -7.27 0.03 10.37
C PHE A 73 -5.94 -0.59 9.96
N ILE A 74 -5.83 -1.90 10.10
CA ILE A 74 -4.58 -2.60 9.85
C ILE A 74 -4.65 -3.32 8.52
N VAL A 75 -3.65 -3.05 7.68
CA VAL A 75 -3.56 -3.63 6.35
C VAL A 75 -2.32 -4.53 6.27
N SER A 76 -2.49 -5.74 5.76
CA SER A 76 -1.35 -6.53 5.30
C SER A 76 -1.60 -7.10 3.91
N LYS A 77 -0.66 -7.91 3.43
CA LYS A 77 -0.64 -8.31 2.02
C LYS A 77 -0.16 -9.74 1.83
N LEU A 78 -0.81 -10.46 0.91
CA LEU A 78 -0.45 -11.84 0.58
C LEU A 78 0.72 -11.86 -0.40
N TRP A 79 1.83 -12.49 -0.02
CA TRP A 79 3.02 -12.48 -0.89
C TRP A 79 2.87 -13.47 -2.05
N CYS A 80 3.76 -13.36 -3.04
CA CYS A 80 3.60 -14.03 -4.31
C CYS A 80 3.78 -15.54 -4.24
N THR A 81 4.53 -15.99 -3.25
CA THR A 81 4.78 -17.40 -3.05
C THR A 81 3.62 -18.12 -2.35
N TYR A 82 2.56 -17.37 -2.03
CA TYR A 82 1.42 -17.94 -1.33
C TYR A 82 0.10 -17.86 -2.11
N HIS A 83 0.20 -17.81 -3.43
CA HIS A 83 -0.98 -17.67 -4.28
C HIS A 83 -1.82 -18.94 -4.49
N GLU A 84 -1.23 -20.10 -4.27
CA GLU A 84 -1.98 -21.35 -4.41
C GLU A 84 -3.18 -21.36 -3.45
N LYS A 85 -4.26 -22.03 -3.87
CA LYS A 85 -5.47 -22.20 -3.04
C LYS A 85 -5.21 -22.61 -1.60
N GLY A 86 -4.43 -23.68 -1.39
CA GLY A 86 -4.28 -24.22 -0.05
C GLY A 86 -3.38 -23.41 0.88
N LEU A 87 -2.70 -22.40 0.36
CA LEU A 87 -1.70 -21.66 1.14
C LEU A 87 -2.15 -20.27 1.59
N VAL A 88 -3.25 -19.76 1.03
CA VAL A 88 -3.70 -18.40 1.33
C VAL A 88 -4.13 -18.22 2.79
N LYS A 89 -4.87 -19.19 3.34
CA LYS A 89 -5.32 -19.10 4.72
C LYS A 89 -4.14 -19.14 5.69
N GLY A 90 -3.19 -20.03 5.43
CA GLY A 90 -2.01 -20.12 6.27
C GLY A 90 -1.18 -18.85 6.30
N ALA A 91 -1.07 -18.20 5.15
CA ALA A 91 -0.26 -16.99 5.03
C ALA A 91 -0.95 -15.87 5.80
N CYS A 92 -2.28 -15.85 5.74
CA CYS A 92 -3.08 -14.87 6.49
C CYS A 92 -2.99 -15.12 7.99
N GLN A 93 -2.99 -16.38 8.40
CA GLN A 93 -2.97 -16.70 9.83
C GLN A 93 -1.60 -16.42 10.45
N LYS A 94 -0.53 -16.61 9.65
CA LYS A 94 0.82 -16.27 10.10
C LYS A 94 0.97 -14.76 10.35
N THR A 95 0.44 -13.95 9.43
CA THR A 95 0.45 -12.52 9.58
C THR A 95 -0.37 -12.06 10.79
N LEU A 96 -1.55 -12.68 10.99
CA LEU A 96 -2.39 -12.36 12.14
C LEU A 96 -1.73 -12.67 13.47
N SER A 97 -0.96 -13.76 13.53
CA SER A 97 -0.27 -14.14 14.76
C SER A 97 0.96 -13.28 15.04
N ASP A 98 1.68 -12.89 13.98
CA ASP A 98 2.81 -11.98 14.16
C ASP A 98 2.35 -10.62 14.66
N LEU A 99 1.26 -10.13 14.07
CA LEU A 99 0.70 -8.83 14.45
C LEU A 99 -0.13 -8.94 15.74
N LYS A 100 -0.40 -10.18 16.14
CA LYS A 100 -1.16 -10.48 17.36
C LYS A 100 -2.57 -9.89 17.32
N LEU A 101 -3.25 -10.08 16.19
CA LEU A 101 -4.64 -9.67 16.01
C LEU A 101 -5.47 -10.92 15.71
N ASP A 102 -6.79 -10.77 15.74
CA ASP A 102 -7.65 -11.86 15.28
C ASP A 102 -8.43 -11.59 14.00
N TYR A 103 -8.35 -10.36 13.48
CA TYR A 103 -8.77 -10.08 12.12
C TYR A 103 -7.95 -8.93 11.55
N LEU A 104 -7.89 -8.85 10.23
CA LEU A 104 -7.32 -7.70 9.55
C LEU A 104 -8.47 -6.90 8.97
N ASP A 105 -8.26 -5.59 8.84
CA ASP A 105 -9.26 -4.75 8.23
C ASP A 105 -9.25 -4.86 6.70
N LEU A 106 -8.06 -5.04 6.14
CA LEU A 106 -7.87 -5.15 4.69
C LEU A 106 -6.69 -6.06 4.40
N TYR A 107 -6.92 -7.04 3.54
CA TYR A 107 -5.89 -7.95 3.10
C TYR A 107 -5.78 -7.87 1.59
N LEU A 108 -4.59 -7.51 1.11
CA LEU A 108 -4.35 -7.28 -0.30
C LEU A 108 -3.56 -8.42 -0.92
N ILE A 109 -3.84 -8.69 -2.21
CA ILE A 109 -2.91 -9.46 -3.04
C ILE A 109 -1.79 -8.51 -3.44
N HIS A 110 -0.58 -8.77 -2.92
CA HIS A 110 0.55 -7.86 -3.01
C HIS A 110 0.96 -7.54 -4.46
N TRP A 111 1.09 -8.58 -5.29
CA TRP A 111 1.36 -8.44 -6.71
C TRP A 111 0.52 -9.50 -7.45
N PRO A 112 0.18 -9.24 -8.72
CA PRO A 112 -0.65 -10.22 -9.45
C PRO A 112 0.13 -11.47 -9.87
N THR A 113 1.45 -11.41 -9.72
CA THR A 113 2.35 -12.49 -10.11
C THR A 113 2.52 -13.50 -8.99
N GLY A 114 2.24 -14.76 -9.30
CA GLY A 114 2.52 -15.84 -8.38
C GLY A 114 3.86 -16.52 -8.63
N PHE A 115 4.61 -16.75 -7.56
CA PHE A 115 5.90 -17.46 -7.65
C PHE A 115 5.75 -18.87 -7.09
N LYS A 116 6.75 -19.71 -7.37
CA LYS A 116 6.80 -21.07 -6.82
C LYS A 116 6.86 -21.03 -5.30
N PRO A 117 6.03 -21.84 -4.63
CA PRO A 117 6.03 -21.93 -3.16
C PRO A 117 7.34 -22.42 -2.54
N GLY A 118 7.64 -21.90 -1.35
CA GLY A 118 8.90 -22.22 -0.70
C GLY A 118 9.30 -21.13 0.27
N LYS A 119 10.51 -21.24 0.83
CA LYS A 119 10.98 -20.31 1.86
C LYS A 119 11.54 -19.00 1.29
N GLU A 120 12.09 -19.06 0.07
CA GLU A 120 12.59 -17.88 -0.62
C GLU A 120 11.44 -17.04 -1.16
N PHE A 121 11.50 -15.73 -0.89
CA PHE A 121 10.50 -14.80 -1.39
C PHE A 121 10.57 -14.64 -2.90
N PHE A 122 11.78 -14.64 -3.43
CA PHE A 122 11.98 -14.66 -4.88
C PHE A 122 12.78 -15.91 -5.26
N PRO A 123 12.07 -17.03 -5.48
CA PRO A 123 12.72 -18.30 -5.82
C PRO A 123 13.37 -18.27 -7.21
N LEU A 124 14.58 -18.83 -7.30
CA LEU A 124 15.40 -18.78 -8.51
C LEU A 124 15.66 -20.20 -9.03
N ASP A 125 15.81 -20.33 -10.36
CA ASP A 125 16.25 -21.60 -10.95
C ASP A 125 17.78 -21.64 -11.07
N GLU A 126 18.29 -22.49 -11.97
CA GLU A 126 19.74 -22.61 -12.14
C GLU A 126 20.31 -21.53 -13.08
N SER A 127 19.42 -20.87 -13.82
CA SER A 127 19.77 -19.78 -14.72
C SER A 127 19.75 -18.42 -14.02
N GLY A 128 18.95 -18.33 -12.95
CA GLY A 128 18.93 -17.13 -12.13
C GLY A 128 17.67 -16.27 -12.22
N ASN A 129 16.62 -16.77 -12.85
CA ASN A 129 15.40 -16.00 -12.97
C ASN A 129 14.30 -16.52 -12.07
N VAL A 130 13.30 -15.69 -11.84
CA VAL A 130 12.20 -16.06 -10.94
C VAL A 130 11.36 -17.17 -11.52
N VAL A 131 11.11 -18.19 -10.71
CA VAL A 131 10.24 -19.30 -11.07
C VAL A 131 8.79 -18.94 -10.77
N PRO A 132 7.95 -19.00 -11.80
CA PRO A 132 6.51 -18.72 -11.64
C PRO A 132 5.71 -19.92 -11.13
N SER A 133 4.56 -19.58 -10.55
CA SER A 133 3.53 -20.56 -10.23
C SER A 133 2.61 -20.60 -11.44
N ASP A 134 1.90 -21.70 -11.64
CA ASP A 134 0.94 -21.76 -12.74
C ASP A 134 -0.45 -21.29 -12.32
N THR A 135 -0.56 -20.76 -11.10
CA THR A 135 -1.82 -20.21 -10.59
C THR A 135 -2.21 -18.92 -11.30
N ASN A 136 -3.50 -18.59 -11.28
CA ASN A 136 -3.97 -17.37 -11.90
C ASN A 136 -4.66 -16.45 -10.90
N ILE A 137 -4.96 -15.22 -11.32
CA ILE A 137 -5.52 -14.21 -10.44
C ILE A 137 -6.90 -14.57 -9.89
N LEU A 138 -7.71 -15.27 -10.69
CA LEU A 138 -9.08 -15.61 -10.31
C LEU A 138 -9.18 -16.69 -9.23
N ASP A 139 -8.28 -17.67 -9.29
CA ASP A 139 -8.25 -18.71 -8.25
C ASP A 139 -7.68 -18.19 -6.94
N THR A 140 -6.74 -17.25 -7.01
CA THR A 140 -6.23 -16.58 -5.83
C THR A 140 -7.30 -15.69 -5.21
N TRP A 141 -8.11 -15.05 -6.05
CA TRP A 141 -9.21 -14.22 -5.57
C TRP A 141 -10.30 -15.02 -4.87
N ALA A 142 -10.66 -16.18 -5.40
CA ALA A 142 -11.63 -17.05 -4.73
C ALA A 142 -11.15 -17.49 -3.33
N ALA A 143 -9.83 -17.60 -3.14
CA ALA A 143 -9.27 -18.01 -1.85
C ALA A 143 -9.33 -16.85 -0.85
N MET A 144 -9.09 -15.64 -1.35
CA MET A 144 -9.19 -14.42 -0.57
C MET A 144 -10.63 -14.16 -0.14
N GLU A 145 -11.57 -14.52 -1.01
CA GLU A 145 -13.00 -14.37 -0.72
C GLU A 145 -13.47 -15.22 0.45
N GLU A 146 -12.90 -16.41 0.61
CA GLU A 146 -13.30 -17.28 1.70
C GLU A 146 -12.69 -16.88 3.04
N LEU A 147 -11.64 -16.05 3.01
CA LEU A 147 -11.13 -15.44 4.23
C LEU A 147 -12.13 -14.43 4.81
N VAL A 148 -12.91 -13.80 3.93
CA VAL A 148 -14.01 -12.93 4.36
C VAL A 148 -15.11 -13.77 4.99
N ASP A 149 -15.44 -14.89 4.37
CA ASP A 149 -16.49 -15.77 4.88
C ASP A 149 -16.10 -16.51 6.14
N GLU A 150 -14.82 -16.54 6.47
CA GLU A 150 -14.36 -17.22 7.69
C GLU A 150 -14.08 -16.26 8.85
N GLY A 151 -14.05 -14.96 8.55
CA GLY A 151 -13.92 -13.96 9.59
C GLY A 151 -12.50 -13.50 9.89
N LEU A 152 -11.54 -13.93 9.08
CA LEU A 152 -10.14 -13.52 9.26
C LEU A 152 -9.86 -12.10 8.76
N VAL A 153 -10.56 -11.70 7.72
CA VAL A 153 -10.40 -10.34 7.20
C VAL A 153 -11.76 -9.72 6.89
N LYS A 154 -11.88 -8.41 7.12
CA LYS A 154 -13.13 -7.68 6.91
C LYS A 154 -13.29 -7.26 5.44
N ALA A 155 -12.20 -6.81 4.83
CA ALA A 155 -12.21 -6.47 3.41
C ALA A 155 -11.01 -7.05 2.70
N ILE A 156 -11.18 -7.37 1.42
CA ILE A 156 -10.07 -7.79 0.59
C ILE A 156 -9.84 -6.84 -0.56
N GLY A 157 -8.60 -6.79 -1.03
CA GLY A 157 -8.25 -5.90 -2.10
C GLY A 157 -7.04 -6.38 -2.87
N ILE A 158 -6.53 -5.51 -3.73
CA ILE A 158 -5.45 -5.86 -4.64
C ILE A 158 -4.36 -4.78 -4.64
N SER A 159 -3.18 -5.12 -5.16
CA SER A 159 -2.08 -4.17 -5.20
C SER A 159 -1.26 -4.39 -6.49
N ASN A 160 -0.90 -3.28 -7.14
CA ASN A 160 -0.21 -3.32 -8.44
C ASN A 160 -0.95 -4.10 -9.54
N PHE A 161 -2.28 -4.01 -9.56
CA PHE A 161 -3.05 -4.61 -10.65
C PHE A 161 -3.31 -3.56 -11.71
N ASN A 162 -3.09 -3.88 -12.98
CA ASN A 162 -3.46 -2.94 -14.03
C ASN A 162 -4.96 -3.04 -14.32
N HIS A 163 -5.47 -2.17 -15.17
CA HIS A 163 -6.92 -2.10 -15.32
C HIS A 163 -7.54 -3.38 -15.90
N LEU A 164 -6.78 -4.13 -16.71
CA LEU A 164 -7.29 -5.36 -17.33
C LEU A 164 -7.35 -6.52 -16.33
N GLN A 165 -6.40 -6.52 -15.39
CA GLN A 165 -6.40 -7.50 -14.30
C GLN A 165 -7.50 -7.22 -13.28
N VAL A 166 -7.81 -5.94 -13.06
CA VAL A 166 -8.95 -5.57 -12.23
C VAL A 166 -10.24 -5.97 -12.94
N GLU A 167 -10.33 -5.67 -14.24
CA GLU A 167 -11.46 -6.12 -15.07
C GLU A 167 -11.72 -7.61 -14.95
N MET A 168 -10.66 -8.42 -15.03
CA MET A 168 -10.76 -9.87 -14.88
C MET A 168 -11.54 -10.26 -13.62
N ILE A 169 -11.21 -9.60 -12.50
CA ILE A 169 -11.87 -9.93 -11.24
C ILE A 169 -13.31 -9.46 -11.23
N LEU A 170 -13.55 -8.26 -11.75
CA LEU A 170 -14.90 -7.71 -11.79
C LEU A 170 -15.84 -8.51 -12.69
N ASN A 171 -15.27 -9.23 -13.66
CA ASN A 171 -16.07 -9.98 -14.63
C ASN A 171 -16.13 -11.48 -14.31
N LYS A 172 -15.54 -11.85 -13.18
CA LYS A 172 -15.43 -13.25 -12.78
C LYS A 172 -16.78 -13.88 -12.46
N PRO A 173 -17.06 -15.05 -13.06
CA PRO A 173 -18.33 -15.76 -12.82
C PRO A 173 -18.46 -16.20 -11.36
N GLY A 174 -19.50 -15.71 -10.70
CA GLY A 174 -19.72 -16.07 -9.30
C GLY A 174 -19.02 -15.14 -8.31
N LEU A 175 -18.54 -14.00 -8.79
CA LEU A 175 -17.89 -13.00 -7.95
C LEU A 175 -18.73 -12.68 -6.71
N LYS A 176 -18.18 -12.93 -5.53
CA LYS A 176 -18.89 -12.67 -4.29
C LYS A 176 -18.50 -11.31 -3.67
N TYR A 177 -17.20 -11.02 -3.61
CA TYR A 177 -16.75 -9.75 -3.04
C TYR A 177 -15.92 -8.94 -4.03
N LYS A 178 -16.35 -7.71 -4.29
CA LYS A 178 -15.55 -6.80 -5.10
C LYS A 178 -14.25 -6.46 -4.35
N PRO A 179 -13.15 -6.28 -5.11
CA PRO A 179 -11.98 -5.55 -4.57
C PRO A 179 -12.39 -4.23 -3.92
N ALA A 180 -11.93 -4.01 -2.69
CA ALA A 180 -12.22 -2.76 -1.97
C ALA A 180 -11.20 -1.68 -2.30
N VAL A 181 -9.95 -2.11 -2.49
CA VAL A 181 -8.83 -1.20 -2.63
C VAL A 181 -7.86 -1.71 -3.68
N ASN A 182 -7.38 -0.83 -4.54
CA ASN A 182 -6.22 -1.12 -5.37
C ASN A 182 -5.09 -0.20 -4.90
N GLN A 183 -4.05 -0.79 -4.31
CA GLN A 183 -2.89 -0.02 -3.87
C GLN A 183 -1.83 0.06 -4.98
N ILE A 184 -1.53 1.29 -5.41
CA ILE A 184 -0.62 1.50 -6.53
C ILE A 184 0.37 2.62 -6.20
N GLU A 185 1.49 2.63 -6.89
CA GLU A 185 2.48 3.70 -6.77
C GLU A 185 1.95 4.98 -7.39
N CYS A 186 2.11 6.10 -6.70
CA CYS A 186 1.55 7.37 -7.16
C CYS A 186 2.22 8.57 -6.48
N HIS A 187 2.78 9.45 -7.30
CA HIS A 187 3.37 10.70 -6.85
C HIS A 187 3.42 11.61 -8.09
N PRO A 188 3.98 12.83 -7.94
CA PRO A 188 3.95 13.73 -9.11
C PRO A 188 4.71 13.27 -10.36
N TYR A 189 5.64 12.33 -10.22
CA TYR A 189 6.37 11.80 -11.39
C TYR A 189 5.70 10.59 -12.03
N LEU A 190 4.68 10.06 -11.37
CA LEU A 190 3.87 8.95 -11.87
C LEU A 190 2.43 9.13 -11.37
N THR A 191 1.69 10.00 -12.05
CA THR A 191 0.41 10.51 -11.57
C THR A 191 -0.77 9.55 -11.70
N GLN A 192 -0.68 8.61 -12.66
CA GLN A 192 -1.63 7.51 -12.78
C GLN A 192 -3.09 7.95 -13.02
N GLU A 193 -3.27 8.98 -13.82
CA GLU A 193 -4.60 9.56 -14.00
C GLU A 193 -5.60 8.59 -14.62
N LYS A 194 -5.16 7.75 -15.54
CA LYS A 194 -6.06 6.80 -16.22
C LYS A 194 -6.50 5.66 -15.31
N LEU A 195 -5.56 5.09 -14.55
CA LEU A 195 -5.89 3.97 -13.66
C LEU A 195 -6.73 4.41 -12.47
N ILE A 196 -6.45 5.61 -11.96
CA ILE A 196 -7.22 6.21 -10.88
C ILE A 196 -8.64 6.54 -11.31
N GLN A 197 -8.79 7.16 -12.48
CA GLN A 197 -10.11 7.44 -13.05
C GLN A 197 -10.91 6.16 -13.28
N TYR A 198 -10.24 5.07 -13.67
CA TYR A 198 -10.92 3.80 -13.91
C TYR A 198 -11.35 3.09 -12.63
N CYS A 199 -10.47 3.01 -11.64
CA CYS A 199 -10.80 2.35 -10.37
C CYS A 199 -11.91 3.09 -9.65
N GLN A 200 -11.85 4.42 -9.68
CA GLN A 200 -12.82 5.23 -8.98
C GLN A 200 -14.21 5.14 -9.60
N SER A 201 -14.29 4.90 -10.91
CA SER A 201 -15.58 4.79 -11.59
C SER A 201 -16.26 3.47 -11.25
N LYS A 202 -15.47 2.51 -10.79
CA LYS A 202 -15.99 1.20 -10.41
C LYS A 202 -16.11 1.04 -8.89
N GLY A 203 -15.93 2.12 -8.15
CA GLY A 203 -16.12 2.07 -6.71
C GLY A 203 -14.97 1.44 -5.93
N ILE A 204 -13.79 1.44 -6.55
CA ILE A 204 -12.59 0.91 -5.93
C ILE A 204 -11.71 2.03 -5.42
N VAL A 205 -11.46 2.03 -4.12
CA VAL A 205 -10.63 3.07 -3.50
C VAL A 205 -9.17 2.87 -3.90
N VAL A 206 -8.51 3.96 -4.25
CA VAL A 206 -7.09 3.92 -4.59
C VAL A 206 -6.22 4.37 -3.43
N THR A 207 -5.18 3.59 -3.15
CA THR A 207 -4.17 3.96 -2.15
C THR A 207 -2.84 4.27 -2.85
N ALA A 208 -2.31 5.47 -2.62
CA ALA A 208 -1.03 5.87 -3.20
C ALA A 208 0.16 5.46 -2.33
N TYR A 209 1.05 4.63 -2.87
CA TYR A 209 2.27 4.28 -2.13
C TYR A 209 3.48 4.95 -2.75
N SER A 210 4.54 5.06 -1.95
CA SER A 210 5.74 5.77 -2.34
C SER A 210 5.47 7.24 -2.69
N PRO A 211 4.68 7.94 -1.85
CA PRO A 211 4.25 9.30 -2.18
C PRO A 211 5.40 10.30 -2.23
N LEU A 212 6.49 10.02 -1.55
CA LEU A 212 7.64 10.93 -1.53
C LEU A 212 8.73 10.47 -2.50
N GLY A 213 8.43 9.43 -3.27
CA GLY A 213 9.39 8.92 -4.23
C GLY A 213 10.37 7.91 -3.67
N SER A 214 10.13 7.47 -2.44
CA SER A 214 10.90 6.38 -1.82
C SER A 214 12.40 6.63 -1.89
N PRO A 215 12.89 7.70 -1.24
CA PRO A 215 14.33 7.99 -1.30
C PRO A 215 15.25 6.93 -0.68
N ASP A 216 14.68 6.00 0.10
CA ASP A 216 15.48 4.95 0.74
C ASP A 216 15.38 3.53 0.15
N ARG A 217 14.81 3.42 -1.05
CA ARG A 217 14.80 2.16 -1.78
C ARG A 217 16.24 1.66 -2.06
N PRO A 218 16.50 0.36 -1.80
CA PRO A 218 17.88 -0.15 -1.83
C PRO A 218 18.52 -0.11 -3.21
N TRP A 219 17.70 0.14 -4.24
CA TRP A 219 18.19 0.22 -5.62
C TRP A 219 18.32 1.67 -6.12
N ALA A 220 18.48 2.62 -5.22
CA ALA A 220 18.55 4.03 -5.60
C ALA A 220 19.86 4.38 -6.29
N LYS A 221 19.77 5.30 -7.24
CA LYS A 221 20.94 5.79 -7.96
C LYS A 221 21.07 7.31 -7.77
N PRO A 222 22.32 7.83 -7.70
CA PRO A 222 22.65 9.26 -7.69
C PRO A 222 22.05 10.12 -8.83
N GLU A 223 21.80 9.53 -9.99
CA GLU A 223 21.24 10.32 -11.09
C GLU A 223 19.73 10.15 -11.29
N ASP A 224 19.10 9.44 -10.36
CA ASP A 224 17.63 9.33 -10.34
C ASP A 224 17.02 10.64 -9.85
N PRO A 225 15.79 10.94 -10.28
CA PRO A 225 15.11 12.15 -9.81
C PRO A 225 14.73 12.10 -8.34
N SER A 226 14.66 13.27 -7.71
CA SER A 226 14.25 13.39 -6.31
C SER A 226 13.06 14.35 -6.22
N LEU A 227 11.92 13.83 -5.76
CA LEU A 227 10.73 14.63 -5.51
C LEU A 227 10.94 15.66 -4.41
N LEU A 228 11.55 15.19 -3.32
CA LEU A 228 11.78 16.00 -2.13
C LEU A 228 12.69 17.20 -2.37
N GLU A 229 13.55 17.11 -3.37
CA GLU A 229 14.48 18.19 -3.65
C GLU A 229 14.13 18.93 -4.95
N ASP A 230 13.01 18.54 -5.57
CA ASP A 230 12.54 19.19 -6.78
C ASP A 230 12.22 20.67 -6.47
N PRO A 231 12.92 21.60 -7.14
CA PRO A 231 12.77 23.04 -6.83
C PRO A 231 11.36 23.55 -7.07
N ARG A 232 10.71 23.01 -8.10
CA ARG A 232 9.35 23.40 -8.46
C ARG A 232 8.37 23.04 -7.37
N ILE A 233 8.59 21.92 -6.70
CA ILE A 233 7.74 21.48 -5.61
C ILE A 233 8.15 22.15 -4.31
N LYS A 234 9.44 22.45 -4.19
CA LYS A 234 9.91 23.29 -3.12
C LYS A 234 9.20 24.65 -3.12
N ALA A 235 8.92 25.19 -4.31
CA ALA A 235 8.34 26.54 -4.42
C ALA A 235 6.86 26.56 -4.00
N ILE A 236 6.13 25.53 -4.40
CA ILE A 236 4.76 25.33 -3.95
C ILE A 236 4.70 25.20 -2.43
N ALA A 237 5.58 24.39 -1.85
CA ALA A 237 5.65 24.25 -0.40
C ALA A 237 5.89 25.59 0.28
N ALA A 238 6.87 26.34 -0.20
CA ALA A 238 7.24 27.61 0.42
C ALA A 238 6.07 28.58 0.42
N LYS A 239 5.26 28.52 -0.64
CA LYS A 239 4.10 29.39 -0.75
C LYS A 239 3.07 29.08 0.36
N HIS A 240 3.08 27.86 0.87
CA HIS A 240 2.05 27.46 1.83
C HIS A 240 2.58 27.35 3.26
N ASN A 241 3.84 27.77 3.43
CA ASN A 241 4.57 27.61 4.69
C ASN A 241 4.55 26.17 5.22
N LYS A 242 4.62 25.22 4.30
CA LYS A 242 4.71 23.80 4.65
C LYS A 242 6.03 23.25 4.14
N THR A 243 6.30 21.99 4.45
CA THR A 243 7.44 21.30 3.87
C THR A 243 7.06 20.62 2.54
N THR A 244 8.08 20.24 1.78
CA THR A 244 7.84 19.56 0.51
C THR A 244 7.14 18.22 0.73
N ALA A 245 7.50 17.55 1.83
CA ALA A 245 6.88 16.30 2.20
C ALA A 245 5.41 16.49 2.52
N GLN A 246 5.08 17.57 3.23
CA GLN A 246 3.69 17.85 3.55
C GLN A 246 2.89 18.15 2.29
N VAL A 247 3.52 18.80 1.31
CA VAL A 247 2.85 19.03 0.02
C VAL A 247 2.66 17.74 -0.75
N LEU A 248 3.63 16.84 -0.70
CA LEU A 248 3.54 15.57 -1.43
C LEU A 248 2.56 14.59 -0.80
N ILE A 249 2.27 14.76 0.49
CA ILE A 249 1.29 13.91 1.15
C ILE A 249 -0.12 14.45 0.94
N ARG A 250 -0.24 15.79 0.89
CA ARG A 250 -1.52 16.46 0.67
C ARG A 250 -2.05 16.28 -0.76
N PHE A 251 -1.12 16.17 -1.71
CA PHE A 251 -1.44 16.06 -3.13
C PHE A 251 -2.41 14.89 -3.43
N PRO A 252 -2.08 13.66 -3.00
CA PRO A 252 -3.02 12.55 -3.24
C PRO A 252 -4.34 12.63 -2.47
N MET A 253 -4.32 13.29 -1.30
CA MET A 253 -5.51 13.38 -0.47
C MET A 253 -6.60 14.18 -1.18
N GLN A 254 -6.20 15.22 -1.89
CA GLN A 254 -7.14 16.04 -2.64
C GLN A 254 -7.57 15.43 -3.97
N ARG A 255 -7.01 14.27 -4.27
CA ARG A 255 -7.46 13.47 -5.41
C ARG A 255 -8.33 12.33 -4.90
N ASN A 256 -8.72 12.40 -3.63
CA ASN A 256 -9.51 11.35 -2.98
C ASN A 256 -8.79 9.99 -2.95
N LEU A 257 -7.49 10.01 -2.73
CA LEU A 257 -6.70 8.80 -2.57
C LEU A 257 -6.27 8.65 -1.12
N VAL A 258 -6.10 7.40 -0.70
CA VAL A 258 -5.49 7.13 0.60
C VAL A 258 -3.97 7.19 0.41
N VAL A 259 -3.26 7.78 1.36
CA VAL A 259 -1.82 7.92 1.26
C VAL A 259 -1.09 7.38 2.50
N ILE A 260 0.01 6.66 2.26
CA ILE A 260 0.74 5.95 3.32
C ILE A 260 2.26 6.17 3.27
N PRO A 261 2.74 7.38 3.63
CA PRO A 261 4.18 7.64 3.71
C PRO A 261 4.84 6.85 4.83
N LYS A 262 6.09 6.44 4.60
CA LYS A 262 6.84 5.68 5.60
C LYS A 262 7.80 6.58 6.32
N SER A 263 7.98 6.32 7.61
CA SER A 263 8.99 6.99 8.42
C SER A 263 9.20 6.23 9.73
N VAL A 264 10.45 6.20 10.19
CA VAL A 264 10.81 5.65 11.50
C VAL A 264 11.31 6.77 12.44
N THR A 265 11.23 8.00 11.94
CA THR A 265 11.83 9.15 12.61
C THR A 265 10.71 9.96 13.26
N PRO A 266 10.68 10.02 14.61
CA PRO A 266 9.51 10.52 15.33
C PRO A 266 9.08 11.93 14.91
N GLU A 267 10.03 12.80 14.60
CA GLU A 267 9.74 14.17 14.20
C GLU A 267 9.15 14.27 12.77
N ARG A 268 9.56 13.36 11.88
CA ARG A 268 8.96 13.25 10.55
C ARG A 268 7.60 12.56 10.56
N ILE A 269 7.43 11.57 11.44
CA ILE A 269 6.13 10.96 11.67
C ILE A 269 5.13 12.02 12.11
N ALA A 270 5.58 12.95 12.95
CA ALA A 270 4.75 14.06 13.42
C ALA A 270 4.47 15.04 12.30
N GLU A 271 5.51 15.42 11.58
CA GLU A 271 5.40 16.33 10.44
C GLU A 271 4.43 15.83 9.38
N ASN A 272 4.50 14.54 9.06
CA ASN A 272 3.65 13.95 8.03
C ASN A 272 2.19 13.93 8.40
N PHE A 273 1.89 14.11 9.69
CA PHE A 273 0.51 14.13 10.17
C PHE A 273 -0.15 15.51 10.03
N LYS A 274 0.66 16.57 10.06
CA LYS A 274 0.16 17.94 10.01
C LYS A 274 -0.18 18.36 8.57
N VAL A 275 -1.14 17.66 7.97
CA VAL A 275 -1.47 17.86 6.57
C VAL A 275 -2.95 18.17 6.36
N PHE A 276 -3.71 18.23 7.46
CA PHE A 276 -5.15 18.43 7.40
C PHE A 276 -5.56 19.90 7.48
N ASP A 277 -4.61 20.78 7.73
CA ASP A 277 -4.92 22.18 8.05
C ASP A 277 -4.65 23.19 6.93
N PHE A 278 -4.49 22.71 5.70
CA PHE A 278 -4.26 23.59 4.57
C PHE A 278 -4.72 22.93 3.28
N GLU A 279 -4.88 23.73 2.24
CA GLU A 279 -5.37 23.26 0.95
C GLU A 279 -4.39 23.67 -0.15
N LEU A 280 -4.20 22.81 -1.13
CA LEU A 280 -3.57 23.21 -2.39
C LEU A 280 -4.68 23.73 -3.30
N SER A 281 -4.40 24.81 -4.03
CA SER A 281 -5.38 25.39 -4.96
C SER A 281 -5.54 24.45 -6.16
N SER A 282 -6.57 24.66 -6.99
CA SER A 282 -6.71 23.83 -8.19
C SER A 282 -5.55 24.08 -9.16
N GLN A 283 -4.93 25.25 -9.03
CA GLN A 283 -3.76 25.62 -9.84
C GLN A 283 -2.53 24.84 -9.42
N ASP A 284 -2.31 24.77 -8.10
CA ASP A 284 -1.26 23.93 -7.51
C ASP A 284 -1.40 22.47 -7.95
N MET A 285 -2.61 21.92 -7.84
CA MET A 285 -2.88 20.53 -8.21
C MET A 285 -2.58 20.25 -9.68
N THR A 286 -3.07 21.11 -10.56
CA THR A 286 -2.86 20.96 -12.00
C THR A 286 -1.39 21.11 -12.37
N THR A 287 -0.68 21.96 -11.65
CA THR A 287 0.76 22.10 -11.82
C THR A 287 1.52 20.84 -11.41
N LEU A 288 1.15 20.25 -10.29
CA LEU A 288 1.81 19.04 -9.79
C LEU A 288 1.55 17.84 -10.71
N LEU A 289 0.34 17.79 -11.26
CA LEU A 289 -0.02 16.77 -12.24
C LEU A 289 0.80 16.89 -13.53
N SER A 290 1.17 18.12 -13.90
CA SER A 290 1.92 18.32 -15.14
C SER A 290 3.36 17.80 -15.05
N TYR A 291 3.77 17.42 -13.84
CA TYR A 291 5.13 16.96 -13.63
C TYR A 291 5.33 15.47 -13.94
N ASN A 292 4.26 14.81 -14.39
CA ASN A 292 4.31 13.39 -14.73
C ASN A 292 5.43 13.06 -15.70
N ARG A 293 6.24 12.06 -15.36
CA ARG A 293 7.32 11.57 -16.21
C ARG A 293 7.11 10.10 -16.57
N ASN A 294 6.13 9.47 -15.92
CA ASN A 294 5.91 8.03 -15.95
C ASN A 294 7.11 7.25 -15.38
N TRP A 295 7.59 7.69 -14.22
CA TRP A 295 8.77 7.09 -13.57
C TRP A 295 8.35 6.23 -12.39
N ARG A 296 8.69 4.94 -12.43
CA ARG A 296 8.37 4.04 -11.33
C ARG A 296 9.54 3.77 -10.40
N VAL A 297 9.22 3.73 -9.11
CA VAL A 297 10.11 3.25 -8.07
C VAL A 297 10.08 1.71 -8.05
N CYS A 298 8.87 1.18 -8.11
CA CYS A 298 8.66 -0.25 -7.91
C CYS A 298 8.19 -0.88 -9.22
N ALA A 299 9.12 -1.45 -9.95
CA ALA A 299 8.80 -1.99 -11.26
C ALA A 299 8.90 -3.52 -11.33
N LEU A 300 9.29 -4.16 -10.23
CA LEU A 300 9.46 -5.61 -10.18
C LEU A 300 10.14 -6.13 -11.44
N LEU A 301 11.37 -5.69 -11.66
CA LEU A 301 12.05 -5.92 -12.94
C LEU A 301 12.45 -7.37 -13.18
N SER A 302 12.53 -8.16 -12.11
CA SER A 302 12.90 -9.57 -12.25
C SER A 302 11.80 -10.44 -12.83
N CYS A 303 10.57 -9.90 -12.88
CA CYS A 303 9.42 -10.66 -13.33
C CYS A 303 8.85 -10.12 -14.62
N THR A 304 9.67 -9.38 -15.36
CA THR A 304 9.27 -8.80 -16.63
C THR A 304 8.75 -9.80 -17.67
N SER A 305 9.13 -11.08 -17.55
CA SER A 305 8.63 -12.13 -18.44
C SER A 305 7.49 -12.97 -17.85
N HIS A 306 7.09 -12.67 -16.61
CA HIS A 306 5.99 -13.41 -15.99
C HIS A 306 4.71 -13.15 -16.76
N LYS A 307 3.90 -14.19 -16.94
CA LYS A 307 2.62 -14.09 -17.65
C LYS A 307 1.65 -13.05 -17.07
N ASP A 308 1.80 -12.70 -15.79
CA ASP A 308 0.91 -11.74 -15.13
C ASP A 308 1.59 -10.44 -14.71
N TYR A 309 2.74 -10.14 -15.30
CA TYR A 309 3.42 -8.87 -15.04
C TYR A 309 2.50 -7.72 -15.44
N PRO A 310 2.31 -6.76 -14.52
CA PRO A 310 1.24 -5.76 -14.68
C PRO A 310 1.57 -4.53 -15.52
N PHE A 311 2.86 -4.26 -15.77
CA PHE A 311 3.25 -2.97 -16.32
C PHE A 311 3.59 -2.93 -17.81
N HIS A 312 3.11 -3.89 -18.59
CA HIS A 312 3.25 -3.85 -20.04
C HIS A 312 2.10 -3.07 -20.69
N GLU A 313 0.93 -3.16 -20.07
CA GLU A 313 -0.25 -2.42 -20.51
C GLU A 313 -0.07 -0.95 -20.19
N GLU A 314 -0.78 -0.08 -20.92
CA GLU A 314 -0.66 1.36 -20.69
C GLU A 314 -1.09 1.73 -19.27
N PHE A 315 -2.25 1.24 -18.87
CA PHE A 315 -2.73 1.37 -17.49
C PHE A 315 -3.47 0.10 -17.07
PA NAP B . 8.03 6.90 1.00
O1A NAP B . 7.74 7.54 -0.27
O2A NAP B . 7.01 6.92 2.04
O5B NAP B . 9.41 7.46 1.58
C5B NAP B . 10.01 6.94 2.77
C4B NAP B . 11.33 7.67 2.84
O4B NAP B . 11.12 9.09 2.91
C3B NAP B . 12.12 7.27 4.05
O3B NAP B . 13.50 7.35 3.74
C2B NAP B . 11.83 8.36 5.05
O2B NAP B . 12.96 8.51 5.91
C1B NAP B . 11.66 9.58 4.15
N9A NAP B . 10.74 10.63 4.70
C8A NAP B . 9.56 10.44 5.33
N7A NAP B . 9.05 11.61 5.72
C5A NAP B . 9.94 12.51 5.33
C6A NAP B . 9.90 13.89 5.59
N6A NAP B . 8.92 14.49 6.23
N1A NAP B . 10.98 14.61 5.14
C2A NAP B . 12.00 14.05 4.51
N3A NAP B . 12.01 12.73 4.31
C4A NAP B . 11.00 11.92 4.70
O3 NAP B . 8.47 5.41 0.64
PN NAP B . 7.87 3.94 0.57
O1N NAP B . 8.22 3.31 1.86
O2N NAP B . 8.38 3.38 -0.68
O5D NAP B . 6.28 4.15 0.45
C5D NAP B . 5.44 4.16 1.62
C4D NAP B . 4.86 2.80 1.91
O4D NAP B . 4.11 2.37 0.78
C3D NAP B . 5.84 1.67 2.21
O3D NAP B . 6.43 1.71 3.53
C2D NAP B . 4.82 0.54 2.10
O2D NAP B . 4.02 0.46 3.26
C1D NAP B . 3.98 0.95 0.91
N1N NAP B . 4.45 0.27 -0.33
C2N NAP B . 3.70 -0.78 -0.86
C3N NAP B . 4.11 -1.42 -2.03
C7N NAP B . 3.23 -2.47 -2.69
O7N NAP B . 3.62 -3.16 -3.65
N7N NAP B . 1.98 -2.54 -2.21
C4N NAP B . 5.31 -1.04 -2.64
C5N NAP B . 6.08 0.00 -2.11
C6N NAP B . 5.63 0.67 -0.97
P2B NAP B . 12.85 8.01 7.42
O1X NAP B . 11.98 6.81 7.45
O2X NAP B . 14.28 7.77 7.71
O3X NAP B . 12.24 9.19 8.09
C1 LPA C . 6.99 -4.17 -2.23
O1 LPA C . 6.33 -3.62 -1.36
C2 LPA C . 8.57 -3.89 -2.19
O2 LPA C . 6.61 -4.93 -3.06
C3 LPA C . 9.19 -4.64 -1.11
C4 LPA C . 9.63 -6.00 -1.64
C5 LPA C . 11.15 -6.30 -1.16
C6 LPA C . 11.28 -7.76 -1.03
#